data_9C6K
#
_entry.id   9C6K
#
_cell.length_a   1.00
_cell.length_b   1.00
_cell.length_c   1.00
_cell.angle_alpha   90.00
_cell.angle_beta   90.00
_cell.angle_gamma   90.00
#
_symmetry.space_group_name_H-M   'P 1'
#
loop_
_entity.id
_entity.type
_entity.pdbx_description
1 polymer 'TPP riboswitch embedded in an RNA scaffold bound to thiamine pyrophosphate'
2 non-polymer 'MAGNESIUM ION'
3 non-polymer 'THIAMINE DIPHOSPHATE'
4 non-polymer 'SODIUM ION'
#
_entity_poly.entity_id   1
_entity_poly.type   'polyribonucleotide'
_entity_poly.pdbx_seq_one_letter_code
;UUAUGUGUGCCCGGCAUGGGUGCAGUCUAUAGGGUGAGAGUCCCGAACUGUGAAGGCAGAAGUAACAGUUAGCCUAACGC
AAGGGUGUCCGUGGCGACAUGGAAUCUGAAGGAAGCGGACGGCAAACCUUCGGUCUGAGGAACACGAACUUCAUAUGAGG
CUAGGUAUCAAUGGAUGAGUUUGCAUAACAAAACAAAGUCCUUUCUGCCAAAGUUGGUACAGAGUAAAUGAAGCAGAUUG
AUGAAGGGAAAGACUGCAUUCUUACCCGGGGAGGUCUGGAAACAGAAGUCAGCAGAAGUCAUAGUACCCUCAGUACUCGG
GGUGCCCUUCUGCGUGAAGGCUGAGAAAUACCCGUAUCACCUGAUCUGGAUAAUGCCAGCGUAGGGAAGUGCUGAGGGGA
AGGACGGAACAAGUAUGGCGUUCGCGCCUAAGCUUGAACCACCGUAUACCGAACGGUACGUACGGUGGUGUGAGAGGAGU
UCGCUCUACUCUAUUAG
;
_entity_poly.pdbx_strand_id   X
#